data_9E8M
#
_entry.id   9E8M
#
_cell.length_a   62.390
_cell.length_b   88.303
_cell.length_c   139.000
_cell.angle_alpha   90.000
_cell.angle_beta   90.000
_cell.angle_gamma   90.000
#
_symmetry.space_group_name_H-M   'C 2 2 21'
#
loop_
_entity.id
_entity.type
_entity.pdbx_description
1 polymer 'Phosphatidylinositol 4,5-bisphosphate 3-kinase catalytic subunit alpha isoform'
2 non-polymer "1-[(1P)-5-bromo-2'-chloro[1,1'-biphenyl]-2-sulfonyl]-4-fluoro-N-[(2S)-4-(methanesulfonyl)butan-2-yl]piperidine-4-carboxamide"
3 water water
#
_entity_poly.entity_id   1
_entity_poly.type   'polypeptide(L)'
_entity_poly.pdbx_seq_one_letter_code
;NSPHSRAMYVYPPNVESSPELPKHIYNKLDKGQIIVVIWVIVSPNNDKQKYTLKINHDCVPEQVIAEAIRKKTRSMLLSS
EQLKLCVLEYQGKYILKVCGCDEYFLEKYPLSQYKYIRSCIMLGRMPNLMLMAKESLYSQLPMD
;
_entity_poly.pdbx_strand_id   A,B
#
# COMPACT_ATOMS: atom_id res chain seq x y z
N ASN A 1 -26.90 9.88 -9.04
CA ASN A 1 -25.76 9.04 -9.50
C ASN A 1 -25.61 7.82 -8.58
N SER A 2 -25.67 6.64 -9.19
CA SER A 2 -25.61 5.37 -8.48
C SER A 2 -24.31 5.30 -7.66
N PRO A 3 -24.33 4.64 -6.48
CA PRO A 3 -23.11 4.36 -5.73
C PRO A 3 -22.02 3.71 -6.58
N HIS A 4 -22.39 2.78 -7.47
CA HIS A 4 -21.43 2.31 -8.44
C HIS A 4 -20.77 3.50 -9.16
N SER A 5 -21.53 4.35 -9.86
CA SER A 5 -20.87 5.35 -10.69
C SER A 5 -19.98 6.25 -9.84
N ARG A 6 -20.37 6.49 -8.58
CA ARG A 6 -19.65 7.41 -7.70
C ARG A 6 -18.32 6.76 -7.30
N ALA A 7 -18.37 5.49 -6.93
CA ALA A 7 -17.17 4.73 -6.66
C ALA A 7 -16.24 4.83 -7.85
N MET A 8 -16.78 4.53 -9.02
CA MET A 8 -16.02 4.36 -10.23
C MET A 8 -15.37 5.69 -10.55
N TYR A 9 -16.08 6.79 -10.28
CA TYR A 9 -15.52 8.13 -10.51
C TYR A 9 -14.37 8.39 -9.56
N VAL A 10 -14.62 8.12 -8.27
CA VAL A 10 -13.81 8.62 -7.17
C VAL A 10 -12.53 7.79 -7.00
N TYR A 11 -12.62 6.48 -7.23
CA TYR A 11 -11.57 5.52 -6.93
C TYR A 11 -11.26 4.78 -8.23
N PRO A 12 -10.83 5.49 -9.29
CA PRO A 12 -10.48 4.84 -10.54
C PRO A 12 -9.17 4.06 -10.38
N PRO A 13 -9.11 2.85 -10.98
CA PRO A 13 -7.95 1.98 -10.87
C PRO A 13 -6.73 2.69 -11.44
N ASN A 14 -5.57 2.50 -10.82
CA ASN A 14 -4.35 2.97 -11.40
C ASN A 14 -3.68 1.77 -12.07
N VAL A 15 -3.74 1.73 -13.41
CA VAL A 15 -3.40 0.55 -14.21
C VAL A 15 -2.36 0.89 -15.27
N GLU A 16 -1.67 -0.15 -15.74
CA GLU A 16 -0.89 -0.11 -16.97
C GLU A 16 -1.83 -0.06 -18.16
N SER A 17 -1.28 0.31 -19.31
CA SER A 17 -2.11 0.59 -20.46
C SER A 17 -2.62 -0.70 -21.08
N SER A 18 -1.84 -1.78 -21.01
CA SER A 18 -2.31 -3.07 -21.53
C SER A 18 -2.13 -4.20 -20.54
N PRO A 19 -2.94 -5.26 -20.67
CA PRO A 19 -2.88 -6.40 -19.78
C PRO A 19 -1.72 -7.36 -20.06
N GLU A 20 -0.90 -7.11 -21.10
CA GLU A 20 0.17 -8.05 -21.41
C GLU A 20 1.36 -7.75 -20.50
N LEU A 21 1.80 -8.80 -19.78
CA LEU A 21 3.01 -8.78 -18.97
C LEU A 21 4.23 -9.07 -19.85
N PRO A 22 5.29 -8.27 -19.75
CA PRO A 22 6.59 -8.64 -20.32
C PRO A 22 7.13 -9.89 -19.65
N LYS A 23 7.86 -10.73 -20.41
CA LYS A 23 8.46 -11.95 -19.89
C LYS A 23 9.29 -11.65 -18.63
N HIS A 24 10.11 -10.59 -18.63
CA HIS A 24 11.04 -10.30 -17.53
C HIS A 24 10.26 -10.27 -16.22
N ILE A 25 9.01 -9.78 -16.27
CA ILE A 25 8.12 -9.73 -15.12
C ILE A 25 7.40 -11.07 -14.90
N TYR A 26 6.80 -11.66 -15.95
CA TYR A 26 6.12 -12.94 -15.83
C TYR A 26 7.03 -13.98 -15.16
N ASN A 27 8.32 -13.98 -15.53
CA ASN A 27 9.28 -14.97 -15.05
C ASN A 27 9.63 -14.82 -13.57
N LYS A 28 9.35 -13.66 -12.98
CA LYS A 28 9.49 -13.52 -11.53
C LYS A 28 8.41 -14.35 -10.83
N LEU A 29 7.35 -14.77 -11.53
CA LEU A 29 6.31 -15.51 -10.84
C LEU A 29 6.65 -16.99 -10.80
N ASP A 30 5.94 -17.76 -9.97
CA ASP A 30 5.99 -19.21 -10.06
C ASP A 30 4.92 -19.64 -11.07
N LYS A 31 5.37 -20.00 -12.28
CA LYS A 31 4.50 -20.56 -13.29
C LYS A 31 3.33 -19.63 -13.54
N GLY A 32 3.60 -18.33 -13.43
CA GLY A 32 2.67 -17.30 -13.84
C GLY A 32 1.73 -16.88 -12.72
N GLN A 33 1.95 -17.45 -11.54
CA GLN A 33 1.10 -17.20 -10.41
C GLN A 33 1.81 -16.33 -9.40
N ILE A 34 1.01 -15.49 -8.79
CA ILE A 34 1.45 -14.50 -7.84
C ILE A 34 1.00 -14.94 -6.44
N ILE A 35 1.84 -14.66 -5.43
CA ILE A 35 1.49 -14.86 -4.04
C ILE A 35 1.08 -13.50 -3.45
N VAL A 36 -0.17 -13.43 -2.98
CA VAL A 36 -0.77 -12.22 -2.41
C VAL A 36 -1.35 -12.54 -1.03
N VAL A 37 -1.59 -11.46 -0.28
CA VAL A 37 -2.00 -11.52 1.11
C VAL A 37 -3.32 -10.75 1.31
N ILE A 38 -4.41 -11.46 1.62
CA ILE A 38 -5.70 -10.84 1.80
C ILE A 38 -5.99 -10.62 3.29
N TRP A 39 -6.22 -9.36 3.68
CA TRP A 39 -6.58 -8.99 5.04
C TRP A 39 -8.09 -8.79 5.15
N VAL A 40 -8.68 -9.14 6.30
CA VAL A 40 -10.09 -8.83 6.52
C VAL A 40 -10.30 -8.41 7.97
N ILE A 41 -11.19 -7.44 8.18
CA ILE A 41 -11.63 -7.06 9.50
C ILE A 41 -13.15 -7.03 9.46
N VAL A 42 -13.83 -8.07 9.94
CA VAL A 42 -15.21 -8.31 9.51
C VAL A 42 -16.19 -8.13 10.69
N SER A 43 -17.49 -8.32 10.38
CA SER A 43 -18.52 -8.70 11.33
C SER A 43 -18.59 -7.73 12.52
N PRO A 44 -19.02 -8.18 13.74
CA PRO A 44 -18.93 -7.36 14.95
C PRO A 44 -17.58 -7.27 15.67
N ASN A 45 -16.72 -8.27 15.44
CA ASN A 45 -15.54 -8.48 16.26
C ASN A 45 -14.40 -7.62 15.73
N ASN A 46 -14.29 -7.52 14.41
CA ASN A 46 -13.25 -6.72 13.81
C ASN A 46 -11.90 -7.23 14.29
N ASP A 47 -11.69 -8.53 14.11
CA ASP A 47 -10.42 -9.19 14.35
C ASP A 47 -9.63 -9.08 13.05
N LYS A 48 -8.31 -9.06 13.13
CA LYS A 48 -7.48 -8.98 11.95
C LYS A 48 -7.25 -10.38 11.42
N GLN A 49 -8.07 -10.84 10.44
CA GLN A 49 -7.81 -12.09 9.71
C GLN A 49 -6.95 -11.83 8.46
N LYS A 50 -6.30 -12.90 7.97
CA LYS A 50 -5.27 -12.77 6.95
C LYS A 50 -5.03 -14.09 6.22
N TYR A 51 -5.31 -14.16 4.91
CA TYR A 51 -5.13 -15.35 4.10
C TYR A 51 -4.05 -15.07 3.08
N THR A 52 -3.23 -16.09 2.75
CA THR A 52 -2.16 -15.93 1.78
C THR A 52 -2.42 -16.87 0.59
N LEU A 53 -2.81 -16.29 -0.55
CA LEU A 53 -3.25 -17.07 -1.69
C LEU A 53 -2.12 -17.16 -2.70
N LYS A 54 -2.24 -18.13 -3.63
CA LYS A 54 -1.40 -18.21 -4.80
C LYS A 54 -2.26 -18.38 -6.03
N ILE A 55 -2.24 -17.39 -6.92
CA ILE A 55 -3.26 -17.25 -7.95
C ILE A 55 -2.64 -16.81 -9.26
N ASN A 56 -3.28 -17.14 -10.38
CA ASN A 56 -2.71 -16.67 -11.62
C ASN A 56 -2.68 -15.17 -11.57
N HIS A 57 -1.59 -14.60 -12.10
CA HIS A 57 -1.41 -13.16 -12.15
C HIS A 57 -2.53 -12.49 -12.92
N ASP A 58 -3.15 -13.25 -13.87
CA ASP A 58 -4.13 -12.69 -14.81
C ASP A 58 -5.55 -12.78 -14.27
N CYS A 59 -5.73 -13.24 -13.02
CA CYS A 59 -7.05 -13.24 -12.43
C CYS A 59 -7.57 -11.82 -12.33
N VAL A 60 -8.89 -11.78 -12.20
CA VAL A 60 -9.68 -10.57 -12.05
C VAL A 60 -9.96 -10.41 -10.56
N PRO A 61 -10.04 -9.17 -10.04
CA PRO A 61 -10.21 -8.97 -8.59
C PRO A 61 -11.22 -9.91 -7.94
N GLU A 62 -12.31 -10.23 -8.64
CA GLU A 62 -13.40 -11.00 -8.05
C GLU A 62 -12.99 -12.48 -7.91
N GLN A 63 -12.19 -12.99 -8.86
CA GLN A 63 -11.64 -14.34 -8.80
C GLN A 63 -10.67 -14.46 -7.63
N VAL A 64 -9.99 -13.34 -7.33
CA VAL A 64 -9.15 -13.23 -6.14
C VAL A 64 -9.99 -13.37 -4.87
N ILE A 65 -11.12 -12.68 -4.82
CA ILE A 65 -12.05 -12.83 -3.71
C ILE A 65 -12.52 -14.28 -3.57
N ALA A 66 -12.83 -14.89 -4.72
CA ALA A 66 -13.28 -16.28 -4.74
C ALA A 66 -12.26 -17.19 -4.05
N GLU A 67 -10.96 -17.04 -4.35
CA GLU A 67 -9.92 -17.84 -3.74
C GLU A 67 -9.83 -17.53 -2.26
N ALA A 68 -10.16 -16.28 -1.92
CA ALA A 68 -10.18 -15.87 -0.52
C ALA A 68 -11.23 -16.70 0.22
N ILE A 69 -12.35 -16.94 -0.45
CA ILE A 69 -13.44 -17.69 0.14
C ILE A 69 -13.03 -19.15 0.27
N ARG A 70 -12.43 -19.67 -0.79
CA ARG A 70 -12.01 -21.07 -0.85
C ARG A 70 -11.05 -21.36 0.29
N LYS A 71 -10.14 -20.43 0.54
CA LYS A 71 -9.10 -20.60 1.53
C LYS A 71 -9.71 -20.61 2.92
N LYS A 72 -10.51 -19.60 3.24
CA LYS A 72 -11.07 -19.49 4.57
C LYS A 72 -11.87 -20.75 4.92
N THR A 73 -12.47 -21.31 3.88
CA THR A 73 -13.56 -22.27 3.94
C THR A 73 -13.09 -23.72 3.85
N ARG A 74 -11.80 -23.97 3.58
CA ARG A 74 -11.34 -25.27 3.12
C ARG A 74 -11.63 -26.34 4.18
N SER A 75 -11.58 -25.97 5.47
CA SER A 75 -11.83 -26.93 6.54
C SER A 75 -13.30 -27.33 6.64
N MET A 76 -14.18 -26.78 5.80
CA MET A 76 -15.58 -27.16 5.81
C MET A 76 -15.80 -28.45 5.01
N LEU A 77 -14.76 -28.94 4.32
CA LEU A 77 -14.81 -30.10 3.45
C LEU A 77 -16.06 -30.12 2.58
N LEU A 78 -16.44 -28.96 2.05
CA LEU A 78 -17.58 -28.82 1.16
C LEU A 78 -17.26 -29.51 -0.16
N SER A 79 -18.31 -29.95 -0.88
CA SER A 79 -18.19 -30.50 -2.22
C SER A 79 -17.89 -29.37 -3.18
N SER A 80 -17.38 -29.68 -4.40
CA SER A 80 -17.13 -28.67 -5.44
C SER A 80 -18.31 -27.72 -5.62
N GLU A 81 -19.51 -28.32 -5.56
CA GLU A 81 -20.74 -27.72 -6.04
C GLU A 81 -21.35 -26.89 -4.93
N GLN A 82 -21.39 -27.45 -3.71
CA GLN A 82 -21.75 -26.72 -2.51
C GLN A 82 -20.87 -25.46 -2.40
N LEU A 83 -19.60 -25.59 -2.81
CA LEU A 83 -18.62 -24.52 -2.68
C LEU A 83 -18.82 -23.44 -3.75
N LYS A 84 -18.77 -23.86 -5.02
CA LYS A 84 -18.90 -22.96 -6.16
C LYS A 84 -20.20 -22.15 -6.04
N LEU A 85 -21.25 -22.82 -5.60
CA LEU A 85 -22.54 -22.19 -5.37
C LEU A 85 -22.41 -21.03 -4.39
N CYS A 86 -21.82 -21.32 -3.22
CA CYS A 86 -21.57 -20.32 -2.20
C CYS A 86 -20.68 -19.22 -2.73
N VAL A 87 -19.62 -19.61 -3.44
CA VAL A 87 -18.72 -18.62 -4.01
C VAL A 87 -19.54 -17.73 -4.94
N LEU A 88 -20.47 -18.27 -5.72
CA LEU A 88 -21.27 -17.41 -6.59
C LEU A 88 -22.17 -16.51 -5.76
N GLU A 89 -22.69 -16.98 -4.63
CA GLU A 89 -23.56 -16.18 -3.77
C GLU A 89 -22.80 -14.99 -3.18
N TYR A 90 -21.50 -15.14 -2.91
CA TYR A 90 -20.75 -14.21 -2.06
C TYR A 90 -19.81 -13.25 -2.84
N GLN A 91 -18.99 -13.79 -3.77
CA GLN A 91 -18.02 -13.03 -4.56
C GLN A 91 -18.33 -11.54 -4.67
N GLY A 92 -19.57 -11.24 -5.12
CA GLY A 92 -19.95 -9.92 -5.58
C GLY A 92 -20.33 -8.97 -4.43
N LYS A 93 -20.22 -9.40 -3.17
CA LYS A 93 -20.63 -8.51 -2.09
C LYS A 93 -19.47 -7.60 -1.67
N TYR A 94 -18.27 -7.88 -2.18
CA TYR A 94 -17.05 -7.34 -1.62
C TYR A 94 -16.14 -6.87 -2.74
N ILE A 95 -15.17 -6.04 -2.36
CA ILE A 95 -14.13 -5.62 -3.28
C ILE A 95 -12.78 -5.60 -2.56
N LEU A 96 -11.73 -5.40 -3.37
CA LEU A 96 -10.37 -5.31 -2.91
C LEU A 96 -9.86 -3.87 -2.98
N LYS A 97 -9.18 -3.49 -1.91
CA LYS A 97 -8.46 -2.24 -1.70
C LYS A 97 -7.00 -2.61 -1.38
N VAL A 98 -6.05 -1.80 -1.85
CA VAL A 98 -4.69 -1.91 -1.34
C VAL A 98 -4.68 -1.53 0.15
N CYS A 99 -4.05 -2.38 0.95
CA CYS A 99 -3.95 -2.16 2.38
C CYS A 99 -3.40 -0.77 2.71
N GLY A 100 -4.17 0.02 3.49
CA GLY A 100 -3.70 1.32 3.96
C GLY A 100 -3.77 2.45 2.94
N CYS A 101 -3.64 2.15 1.63
CA CYS A 101 -3.86 3.13 0.57
C CYS A 101 -5.35 3.29 0.21
N ASP A 102 -5.63 4.32 -0.60
CA ASP A 102 -6.90 4.49 -1.28
C ASP A 102 -6.76 4.13 -2.74
N GLU A 103 -6.47 2.86 -2.99
CA GLU A 103 -6.40 2.35 -4.35
C GLU A 103 -7.27 1.08 -4.31
N TYR A 104 -8.27 1.01 -5.20
CA TYR A 104 -9.25 -0.05 -5.18
C TYR A 104 -9.16 -0.87 -6.47
N PHE A 105 -9.59 -2.14 -6.42
CA PHE A 105 -9.51 -3.00 -7.59
C PHE A 105 -10.90 -3.12 -8.20
N LEU A 106 -11.41 -1.99 -8.67
CA LEU A 106 -12.79 -1.83 -9.06
C LEU A 106 -12.98 -2.11 -10.55
N GLU A 107 -12.23 -3.04 -11.14
CA GLU A 107 -12.32 -3.19 -12.59
C GLU A 107 -11.89 -4.59 -12.98
N LYS A 108 -12.71 -5.26 -13.80
CA LYS A 108 -12.43 -6.61 -14.23
C LYS A 108 -11.20 -6.68 -15.14
N TYR A 109 -10.14 -5.91 -14.86
CA TYR A 109 -8.85 -6.11 -15.52
C TYR A 109 -8.09 -7.24 -14.81
N PRO A 110 -7.05 -7.84 -15.43
CA PRO A 110 -6.17 -8.79 -14.74
C PRO A 110 -5.37 -8.12 -13.62
N LEU A 111 -5.15 -8.85 -12.55
CA LEU A 111 -4.50 -8.31 -11.36
C LEU A 111 -3.14 -7.68 -11.68
N SER A 112 -2.33 -8.37 -12.47
CA SER A 112 -0.99 -7.91 -12.81
C SER A 112 -1.01 -6.68 -13.74
N GLN A 113 -2.19 -6.35 -14.28
CA GLN A 113 -2.34 -5.12 -15.04
C GLN A 113 -2.39 -3.94 -14.07
N TYR A 114 -2.88 -4.16 -12.83
CA TYR A 114 -2.89 -3.07 -11.87
C TYR A 114 -1.46 -2.65 -11.50
N LYS A 115 -1.20 -1.34 -11.42
CA LYS A 115 0.13 -0.85 -11.18
C LYS A 115 0.67 -1.28 -9.80
N TYR A 116 -0.17 -1.26 -8.77
CA TYR A 116 0.27 -1.77 -7.47
C TYR A 116 0.88 -3.17 -7.65
N ILE A 117 0.10 -4.08 -8.24
CA ILE A 117 0.50 -5.47 -8.33
C ILE A 117 1.79 -5.55 -9.14
N ARG A 118 1.88 -4.78 -10.22
CA ARG A 118 3.05 -4.92 -11.06
C ARG A 118 4.30 -4.44 -10.32
N SER A 119 4.17 -3.36 -9.55
CA SER A 119 5.24 -2.80 -8.73
C SER A 119 5.79 -3.83 -7.72
N CYS A 120 4.85 -4.55 -7.08
CA CYS A 120 5.18 -5.58 -6.11
C CYS A 120 6.05 -6.62 -6.77
N ILE A 121 5.62 -7.12 -7.93
CA ILE A 121 6.32 -8.21 -8.60
C ILE A 121 7.77 -7.81 -8.91
N MET A 122 7.95 -6.53 -9.28
CA MET A 122 9.22 -5.98 -9.68
C MET A 122 10.18 -5.86 -8.50
N LEU A 123 9.65 -5.30 -7.42
CA LEU A 123 10.33 -5.17 -6.14
C LEU A 123 10.41 -6.51 -5.43
N GLY A 124 9.80 -7.56 -6.00
CA GLY A 124 9.73 -8.87 -5.39
C GLY A 124 9.02 -8.90 -4.03
N ARG A 125 8.04 -8.00 -3.80
CA ARG A 125 7.24 -7.95 -2.57
C ARG A 125 5.89 -8.63 -2.77
N MET A 126 5.27 -9.06 -1.67
CA MET A 126 3.91 -9.63 -1.71
C MET A 126 2.88 -8.49 -1.66
N PRO A 127 1.93 -8.40 -2.62
CA PRO A 127 0.84 -7.43 -2.53
C PRO A 127 0.08 -7.64 -1.24
N ASN A 128 -0.27 -6.57 -0.52
CA ASN A 128 -1.13 -6.72 0.63
C ASN A 128 -2.43 -6.02 0.33
N LEU A 129 -3.42 -6.82 -0.07
CA LEU A 129 -4.74 -6.33 -0.36
C LEU A 129 -5.59 -6.48 0.89
N MET A 130 -6.72 -5.78 0.91
CA MET A 130 -7.68 -5.77 2.00
C MET A 130 -9.07 -6.05 1.42
N LEU A 131 -9.79 -6.98 2.02
CA LEU A 131 -11.10 -7.35 1.53
C LEU A 131 -12.15 -6.62 2.37
N MET A 132 -13.13 -6.03 1.68
CA MET A 132 -14.19 -5.25 2.32
C MET A 132 -15.48 -5.30 1.49
N ALA A 133 -16.59 -4.99 2.17
CA ALA A 133 -17.92 -4.98 1.60
C ALA A 133 -18.10 -3.80 0.65
N LYS A 134 -18.86 -4.02 -0.43
CA LYS A 134 -19.30 -2.93 -1.29
C LYS A 134 -20.08 -1.92 -0.46
N GLU A 135 -21.03 -2.37 0.36
CA GLU A 135 -21.72 -1.43 1.23
C GLU A 135 -20.70 -0.60 2.02
N SER A 136 -19.59 -1.18 2.50
CA SER A 136 -18.70 -0.39 3.35
C SER A 136 -18.21 0.83 2.59
N LEU A 137 -17.82 0.60 1.33
CA LEU A 137 -17.24 1.61 0.45
C LEU A 137 -18.26 2.69 0.05
N TYR A 138 -19.50 2.26 -0.27
CA TYR A 138 -20.57 3.17 -0.68
C TYR A 138 -20.86 4.14 0.45
N SER A 139 -20.70 3.65 1.68
CA SER A 139 -20.91 4.47 2.85
C SER A 139 -19.79 5.51 3.01
N GLN A 140 -18.55 5.19 2.62
CA GLN A 140 -17.43 6.11 2.81
C GLN A 140 -17.34 7.20 1.76
N LEU A 141 -18.35 7.27 0.89
CA LEU A 141 -18.20 7.95 -0.38
C LEU A 141 -18.41 9.43 -0.14
N PRO A 142 -17.53 10.33 -0.63
CA PRO A 142 -17.80 11.77 -0.58
C PRO A 142 -19.09 12.19 -1.32
N SER B 2 1.75 27.50 -8.23
CA SER B 2 3.09 26.91 -7.88
C SER B 2 3.04 25.38 -7.92
N PRO B 3 4.14 24.72 -8.34
CA PRO B 3 4.18 23.25 -8.43
C PRO B 3 3.81 22.48 -7.15
N HIS B 4 4.36 22.90 -6.00
CA HIS B 4 4.02 22.20 -4.75
C HIS B 4 2.51 22.17 -4.60
N SER B 5 1.85 23.31 -4.88
CA SER B 5 0.41 23.46 -4.63
C SER B 5 -0.41 22.81 -5.74
N ARG B 6 0.18 22.71 -6.94
CA ARG B 6 -0.43 21.94 -8.02
C ARG B 6 -0.40 20.46 -7.65
N ALA B 7 0.76 20.01 -7.16
CA ALA B 7 0.99 18.61 -6.84
C ALA B 7 0.12 18.20 -5.66
N MET B 8 -0.02 19.12 -4.70
CA MET B 8 -0.81 18.88 -3.51
C MET B 8 -2.32 18.82 -3.81
N TYR B 9 -2.76 19.46 -4.91
CA TYR B 9 -4.15 19.39 -5.31
C TYR B 9 -4.41 18.06 -6.01
N VAL B 10 -3.47 17.64 -6.84
CA VAL B 10 -3.62 16.41 -7.61
C VAL B 10 -3.32 15.19 -6.75
N TYR B 11 -2.30 15.28 -5.90
CA TYR B 11 -1.84 14.18 -5.07
C TYR B 11 -1.99 14.57 -3.59
N PRO B 12 -3.22 14.65 -3.04
CA PRO B 12 -3.42 15.22 -1.72
C PRO B 12 -3.11 14.24 -0.58
N PRO B 13 -2.46 14.68 0.53
CA PRO B 13 -2.41 13.89 1.76
C PRO B 13 -3.68 13.16 2.14
N ASN B 14 -3.53 11.97 2.71
CA ASN B 14 -4.63 11.20 3.20
C ASN B 14 -4.33 10.86 4.65
N VAL B 15 -5.01 11.57 5.57
CA VAL B 15 -4.57 11.65 6.96
C VAL B 15 -5.75 11.54 7.92
N GLU B 16 -5.50 10.98 9.11
CA GLU B 16 -6.51 10.91 10.16
C GLU B 16 -6.84 12.31 10.65
N SER B 17 -7.93 12.41 11.40
CA SER B 17 -8.45 13.70 11.84
C SER B 17 -7.43 14.35 12.76
N SER B 18 -6.94 13.57 13.74
CA SER B 18 -6.09 14.04 14.82
C SER B 18 -4.72 13.39 14.71
N PRO B 19 -3.61 14.06 15.09
CA PRO B 19 -2.32 13.38 15.24
C PRO B 19 -2.20 12.44 16.45
N GLU B 20 -3.09 12.56 17.42
CA GLU B 20 -3.05 11.74 18.63
C GLU B 20 -3.40 10.27 18.34
N LEU B 21 -2.71 9.37 19.04
CA LEU B 21 -2.73 7.94 18.78
C LEU B 21 -3.42 7.21 19.94
N PRO B 22 -4.29 6.20 19.72
CA PRO B 22 -4.81 5.38 20.83
C PRO B 22 -3.76 4.55 21.56
N LYS B 23 -3.96 4.33 22.88
CA LYS B 23 -3.04 3.56 23.68
C LYS B 23 -2.67 2.25 23.00
N HIS B 24 -3.69 1.47 22.64
CA HIS B 24 -3.45 0.12 22.14
C HIS B 24 -2.48 0.19 20.98
N ILE B 25 -2.67 1.10 20.03
CA ILE B 25 -1.79 1.11 18.86
C ILE B 25 -0.46 1.81 19.20
N TYR B 26 -0.48 2.90 19.98
CA TYR B 26 0.77 3.49 20.42
C TYR B 26 1.64 2.40 21.03
N ASN B 27 0.98 1.48 21.78
CA ASN B 27 1.66 0.39 22.48
C ASN B 27 2.26 -0.62 21.51
N LYS B 28 1.79 -0.67 20.25
CA LYS B 28 2.44 -1.49 19.24
C LYS B 28 3.83 -0.95 18.91
N LEU B 29 4.01 0.36 19.02
CA LEU B 29 5.31 0.94 18.71
C LEU B 29 6.33 0.51 19.76
N ASP B 30 7.58 0.30 19.33
CA ASP B 30 8.70 0.01 20.22
C ASP B 30 9.26 1.36 20.68
N LYS B 31 8.86 1.76 21.90
CA LYS B 31 9.15 3.07 22.48
C LYS B 31 8.66 4.19 21.56
N GLY B 32 7.42 4.10 21.08
CA GLY B 32 6.87 5.14 20.21
C GLY B 32 7.63 5.26 18.89
N GLN B 33 8.20 4.14 18.44
CA GLN B 33 9.03 4.10 17.25
C GLN B 33 8.61 2.98 16.30
N ILE B 34 8.85 3.25 15.01
CA ILE B 34 8.28 2.47 13.93
C ILE B 34 9.40 2.14 12.94
N ILE B 35 9.32 0.97 12.31
CA ILE B 35 10.33 0.50 11.37
C ILE B 35 9.71 0.56 9.97
N VAL B 36 10.25 1.44 9.11
CA VAL B 36 9.79 1.55 7.73
C VAL B 36 10.92 1.15 6.80
N VAL B 37 10.55 0.63 5.63
CA VAL B 37 11.49 0.27 4.57
C VAL B 37 11.45 1.41 3.57
N ILE B 38 12.61 1.86 3.09
CA ILE B 38 12.67 2.89 2.05
C ILE B 38 13.28 2.30 0.77
N TRP B 39 12.58 2.47 -0.33
CA TRP B 39 13.08 2.00 -1.61
C TRP B 39 13.56 3.19 -2.43
N VAL B 40 14.64 3.01 -3.18
CA VAL B 40 15.01 3.97 -4.21
C VAL B 40 15.32 3.19 -5.48
N ILE B 41 15.03 3.80 -6.64
CA ILE B 41 15.34 3.21 -7.94
C ILE B 41 16.21 4.18 -8.72
N VAL B 42 17.43 3.73 -9.06
CA VAL B 42 18.42 4.59 -9.72
C VAL B 42 19.15 3.77 -10.81
N ASP B 47 18.03 -0.19 -10.95
CA ASP B 47 18.92 -0.62 -9.84
C ASP B 47 18.25 -0.23 -8.53
N LYS B 48 17.63 -1.22 -7.85
CA LYS B 48 16.62 -0.92 -6.83
C LYS B 48 17.16 -1.22 -5.43
N GLN B 49 17.49 -0.14 -4.70
CA GLN B 49 18.13 -0.17 -3.38
C GLN B 49 17.10 0.04 -2.27
N LYS B 50 17.45 -0.41 -1.06
CA LYS B 50 16.48 -0.59 0.02
C LYS B 50 17.11 -0.26 1.37
N TYR B 51 16.44 0.57 2.18
CA TYR B 51 16.97 1.01 3.47
C TYR B 51 15.92 0.87 4.57
N THR B 52 16.33 0.26 5.69
CA THR B 52 15.45 0.12 6.83
C THR B 52 15.78 1.14 7.91
N LEU B 53 14.78 1.95 8.23
CA LEU B 53 14.91 2.98 9.23
C LEU B 53 14.05 2.58 10.42
N LYS B 54 14.51 3.00 11.60
CA LYS B 54 13.68 3.02 12.79
C LYS B 54 13.62 4.47 13.25
N ILE B 55 12.41 4.97 13.53
CA ILE B 55 12.14 6.39 13.74
C ILE B 55 10.96 6.58 14.68
N ASN B 56 10.91 7.78 15.26
CA ASN B 56 9.73 8.22 15.97
C ASN B 56 8.52 8.16 15.03
N HIS B 57 7.40 7.73 15.59
CA HIS B 57 6.15 7.67 14.85
C HIS B 57 5.78 9.06 14.33
N ASP B 58 6.20 10.14 15.03
CA ASP B 58 5.74 11.49 14.70
C ASP B 58 6.78 12.34 13.97
N CYS B 59 7.84 11.71 13.44
CA CYS B 59 8.64 12.37 12.43
C CYS B 59 7.71 12.88 11.33
N VAL B 60 8.12 13.96 10.67
CA VAL B 60 7.50 14.39 9.43
C VAL B 60 8.25 13.72 8.29
N PRO B 61 7.67 13.64 7.06
CA PRO B 61 8.35 12.97 5.94
C PRO B 61 9.79 13.43 5.72
N GLU B 62 10.00 14.75 5.85
CA GLU B 62 11.31 15.34 5.65
C GLU B 62 12.37 14.69 6.55
N GLN B 63 12.06 14.54 7.84
CA GLN B 63 12.97 13.93 8.82
C GLN B 63 13.35 12.49 8.43
N VAL B 64 12.46 11.79 7.75
CA VAL B 64 12.68 10.41 7.34
C VAL B 64 13.64 10.38 6.16
N ILE B 65 13.36 11.24 5.18
CA ILE B 65 14.30 11.56 4.14
C ILE B 65 15.64 11.96 4.75
N ALA B 66 15.60 12.89 5.71
CA ALA B 66 16.81 13.29 6.39
C ALA B 66 17.52 12.06 6.94
N GLU B 67 16.78 11.16 7.60
CA GLU B 67 17.41 10.00 8.19
C GLU B 67 17.95 9.08 7.10
N ALA B 68 17.27 9.00 5.95
CA ALA B 68 17.69 8.11 4.87
C ALA B 68 19.01 8.59 4.26
N ILE B 69 19.16 9.91 4.20
CA ILE B 69 20.41 10.52 3.73
C ILE B 69 21.53 10.14 4.70
N ARG B 70 21.24 10.07 6.01
CA ARG B 70 22.25 9.81 7.02
C ARG B 70 22.69 8.34 6.98
N LYS B 71 21.83 7.41 6.51
CA LYS B 71 22.22 6.02 6.51
C LYS B 71 23.07 5.68 5.30
N LYS B 72 22.82 6.33 4.16
CA LYS B 72 23.64 6.11 2.99
C LYS B 72 25.04 6.66 3.22
N THR B 73 25.06 7.91 3.70
CA THR B 73 26.23 8.77 3.80
C THR B 73 27.25 8.17 4.77
N ARG B 74 26.79 7.42 5.78
CA ARG B 74 27.65 6.65 6.68
C ARG B 74 28.98 6.36 6.01
N SER B 75 28.92 5.81 4.80
CA SER B 75 30.10 5.53 4.01
C SER B 75 31.13 6.67 4.03
N MET B 76 30.69 7.93 3.82
CA MET B 76 31.57 9.08 3.54
C MET B 76 32.18 9.67 4.81
N LEU B 77 33.39 10.24 4.73
CA LEU B 77 33.94 10.98 5.86
C LEU B 77 33.73 12.49 5.71
N LEU B 78 32.81 13.00 6.54
CA LEU B 78 32.37 14.38 6.60
C LEU B 78 32.27 14.78 8.07
N SER B 79 32.56 16.03 8.42
CA SER B 79 32.47 16.43 9.81
C SER B 79 31.01 16.55 10.21
N SER B 80 30.74 16.72 11.51
CA SER B 80 29.38 16.80 12.01
C SER B 80 28.63 17.99 11.42
N GLU B 81 29.32 19.04 10.95
CA GLU B 81 28.62 20.18 10.39
C GLU B 81 28.35 19.96 8.91
N GLN B 82 29.28 19.30 8.20
CA GLN B 82 29.10 19.00 6.79
C GLN B 82 27.92 18.07 6.59
N LEU B 83 27.88 16.98 7.38
CA LEU B 83 26.77 16.06 7.36
C LEU B 83 25.48 16.89 7.43
N LYS B 84 25.38 17.72 8.48
CA LYS B 84 24.17 18.43 8.84
C LYS B 84 23.71 19.34 7.69
N LEU B 85 24.64 20.18 7.21
CA LEU B 85 24.40 21.11 6.12
C LEU B 85 24.05 20.34 4.85
N CYS B 86 24.75 19.25 4.56
CA CYS B 86 24.45 18.47 3.35
C CYS B 86 23.05 17.87 3.42
N VAL B 87 22.61 17.51 4.63
CA VAL B 87 21.27 16.99 4.84
C VAL B 87 20.26 18.13 4.69
N LEU B 88 20.66 19.34 5.10
CA LEU B 88 19.77 20.49 5.01
C LEU B 88 19.51 20.81 3.54
N GLU B 89 20.51 20.65 2.68
CA GLU B 89 20.36 21.09 1.31
C GLU B 89 19.56 20.05 0.52
N TYR B 90 19.84 18.76 0.79
CA TYR B 90 19.27 17.67 0.00
C TYR B 90 17.96 17.13 0.57
N GLN B 91 17.67 17.48 1.83
CA GLN B 91 16.47 17.10 2.55
C GLN B 91 15.22 17.29 1.71
N GLY B 92 15.12 18.47 1.08
CA GLY B 92 13.89 18.90 0.47
C GLY B 92 13.89 18.69 -1.04
N LYS B 93 14.86 17.97 -1.58
CA LYS B 93 14.85 17.68 -3.00
C LYS B 93 14.08 16.38 -3.31
N TYR B 94 13.54 15.71 -2.27
CA TYR B 94 12.84 14.43 -2.41
C TYR B 94 11.53 14.46 -1.63
N ILE B 95 10.62 13.56 -2.03
CA ILE B 95 9.37 13.31 -1.33
C ILE B 95 9.17 11.80 -1.19
N LEU B 96 8.31 11.41 -0.25
CA LEU B 96 8.02 10.00 -0.01
C LEU B 96 6.69 9.62 -0.63
N LYS B 97 6.70 8.48 -1.33
CA LYS B 97 5.53 7.93 -1.97
C LYS B 97 5.29 6.52 -1.40
N VAL B 98 4.04 6.11 -1.26
CA VAL B 98 3.81 4.70 -0.97
C VAL B 98 4.27 3.88 -2.19
N CYS B 99 4.95 2.77 -1.88
CA CYS B 99 5.37 1.83 -2.90
C CYS B 99 4.19 1.29 -3.72
N GLY B 100 4.06 1.79 -4.96
CA GLY B 100 3.12 1.25 -5.93
C GLY B 100 1.73 1.88 -5.90
N CYS B 101 1.53 2.92 -5.08
CA CYS B 101 0.30 3.70 -5.06
C CYS B 101 0.63 5.15 -5.40
N ASP B 102 -0.40 5.93 -5.79
CA ASP B 102 -0.35 7.39 -5.88
C ASP B 102 -0.78 7.95 -4.54
N GLU B 103 0.03 7.66 -3.53
CA GLU B 103 -0.25 8.14 -2.19
C GLU B 103 1.04 8.80 -1.72
N TYR B 104 1.15 10.14 -1.88
CA TYR B 104 2.39 10.86 -1.59
C TYR B 104 2.31 11.55 -0.21
N PHE B 105 3.49 11.81 0.38
CA PHE B 105 3.59 12.47 1.67
C PHE B 105 4.08 13.90 1.45
N LEU B 106 3.19 14.75 0.98
CA LEU B 106 3.57 16.04 0.44
C LEU B 106 3.54 17.12 1.53
N GLU B 107 2.95 16.78 2.69
CA GLU B 107 2.66 17.80 3.70
C GLU B 107 3.34 17.43 5.02
N LYS B 108 3.35 18.37 5.97
CA LYS B 108 4.27 18.32 7.10
C LYS B 108 3.59 17.72 8.32
N TYR B 109 2.68 16.78 8.09
CA TYR B 109 2.06 16.01 9.15
C TYR B 109 3.05 14.98 9.75
N PRO B 110 2.87 14.60 11.04
CA PRO B 110 3.60 13.46 11.59
C PRO B 110 3.26 12.14 10.88
N LEU B 111 4.31 11.40 10.57
CA LEU B 111 4.20 10.23 9.71
C LEU B 111 2.98 9.40 10.09
N SER B 112 2.71 9.43 11.39
CA SER B 112 1.78 8.54 12.03
C SER B 112 0.33 8.87 11.65
N GLN B 113 0.10 10.15 11.27
CA GLN B 113 -1.22 10.69 10.99
C GLN B 113 -1.60 10.44 9.53
N TYR B 114 -0.63 10.16 8.65
CA TYR B 114 -0.96 9.58 7.36
C TYR B 114 -1.59 8.20 7.57
N LYS B 115 -2.75 7.96 6.94
CA LYS B 115 -3.56 6.77 7.18
C LYS B 115 -2.85 5.47 6.79
N TYR B 116 -2.09 5.47 5.70
CA TYR B 116 -1.28 4.31 5.32
C TYR B 116 -0.41 3.86 6.48
N ILE B 117 0.26 4.83 7.11
CA ILE B 117 1.11 4.47 8.24
C ILE B 117 0.23 4.09 9.43
N ARG B 118 -0.94 4.72 9.59
CA ARG B 118 -1.74 4.30 10.71
C ARG B 118 -2.28 2.90 10.48
N SER B 119 -2.56 2.53 9.23
CA SER B 119 -3.00 1.17 8.92
C SER B 119 -1.88 0.18 9.29
N CYS B 120 -0.63 0.50 8.94
CA CYS B 120 0.45 -0.47 9.14
C CYS B 120 0.60 -0.75 10.63
N ILE B 121 0.62 0.32 11.42
CA ILE B 121 0.78 0.23 12.86
C ILE B 121 -0.32 -0.64 13.47
N MET B 122 -1.56 -0.51 12.98
CA MET B 122 -2.67 -1.32 13.47
C MET B 122 -2.54 -2.78 13.03
N LEU B 123 -1.99 -2.99 11.83
CA LEU B 123 -1.90 -4.29 11.20
C LEU B 123 -0.61 -5.01 11.56
N GLY B 124 0.34 -4.31 12.16
CA GLY B 124 1.66 -4.89 12.45
C GLY B 124 2.44 -5.19 11.17
N ARG B 125 2.21 -4.38 10.15
CA ARG B 125 2.99 -4.42 8.93
C ARG B 125 4.08 -3.35 8.99
N MET B 126 5.09 -3.51 8.15
CA MET B 126 6.11 -2.50 7.97
C MET B 126 5.70 -1.62 6.80
N PRO B 127 5.56 -0.30 6.99
CA PRO B 127 5.34 0.60 5.85
C PRO B 127 6.45 0.49 4.83
N ASN B 128 6.12 0.26 3.54
CA ASN B 128 7.12 0.36 2.47
C ASN B 128 6.91 1.63 1.66
N LEU B 129 7.94 2.50 1.72
CA LEU B 129 7.89 3.79 1.06
C LEU B 129 8.88 3.81 -0.10
N MET B 130 8.94 4.96 -0.79
CA MET B 130 9.72 5.12 -1.99
C MET B 130 10.20 6.58 -2.06
N LEU B 131 11.52 6.75 -2.20
CA LEU B 131 12.14 8.05 -2.38
C LEU B 131 12.22 8.36 -3.87
N MET B 132 11.93 9.64 -4.13
CA MET B 132 11.67 10.20 -5.44
C MET B 132 12.18 11.63 -5.44
N ALA B 133 12.88 11.98 -6.52
CA ALA B 133 13.23 13.36 -6.78
C ALA B 133 11.94 14.18 -6.95
N LYS B 134 11.88 15.33 -6.28
CA LYS B 134 10.83 16.29 -6.55
C LYS B 134 10.81 16.61 -8.04
N GLU B 135 11.96 17.03 -8.56
CA GLU B 135 12.12 17.29 -9.98
C GLU B 135 11.38 16.23 -10.80
N SER B 136 11.55 14.98 -10.36
CA SER B 136 11.05 13.80 -11.05
C SER B 136 9.52 13.75 -11.07
N LEU B 137 8.88 14.52 -10.20
CA LEU B 137 7.43 14.59 -10.14
C LEU B 137 6.88 15.61 -11.14
N TYR B 138 7.59 16.75 -11.35
CA TYR B 138 7.02 17.96 -11.96
C TYR B 138 7.32 18.04 -13.46
#